data_3QO0
#
_entry.id   3QO0
#
_cell.length_a   53.320
_cell.length_b   67.270
_cell.length_c   68.880
_cell.angle_alpha   90.000
_cell.angle_beta   103.100
_cell.angle_gamma   90.000
#
_symmetry.space_group_name_H-M   'P 1 21 1'
#
loop_
_entity.id
_entity.type
_entity.pdbx_description
1 polymer 'Fab fragment of IMMUNOGLOBULIN G1 LIGHT CHAIN'
2 polymer 'Fab fragment of IMMUNOGLOBULIN G1 HEAVY CHAIN'
3 polymer 'Peptide from Tubulin beta chain'
4 non-polymer GLYCEROL
5 water water
#
loop_
_entity_poly.entity_id
_entity_poly.type
_entity_poly.pdbx_seq_one_letter_code
_entity_poly.pdbx_strand_id
1 'polypeptide(L)'
;DIVMTQSPLSLSVTPGEPASISCRSSQSLLRRDGHNDLEWYLQKPGQSPQPLIYLGSTRASGVPDRFSGSGSGTDFTLKI
IRVEAEDAGTYYCMQNKQTPLTFGQGTRLEIKRTVAAPSVFIFPPSDEQLKSGTASVVCLLNNFYPREAKVQWKVDNALQ
SGNSQESVTEQDSKDSTYSLSSTLTLSKADYEKHKVYACEVTHQGLSSPVTKSFNRGEC
;
A
2 'polypeptide(L)'
;EVQLVESGGGLVQPGGSLKLSCAASGFTLSGSNVHWVRQASGKGLEWVGRIKRNAESDATAYAASMRGRLTISRDDSKNT
AFLQMNSLKSDDTAMYYCVIRGDVYNRQWGQGTLVTVSSASTKGPSVFPLAPSSKSTSGGTAALGCLVKDYFPEPVTVSW
NSGALTSGVHTFPAVLQSSGLYSLSSVVTVPSSSLGTQTYICNVNHKPSNTKVDKRVEPK
;
B
3 'polypeptide(L)' YQQYQDATAEEEEDFGEEAE C
#
loop_
_chem_comp.id
_chem_comp.type
_chem_comp.name
_chem_comp.formula
GOL non-polymer GLYCEROL 'C3 H8 O3'
#
# COMPACT_ATOMS: atom_id res chain seq x y z
N ASP A 1 -8.71 -28.14 3.20
CA ASP A 1 -7.63 -27.21 2.88
C ASP A 1 -6.53 -27.30 3.93
N ILE A 2 -5.26 -27.19 3.50
CA ILE A 2 -4.10 -27.21 4.40
C ILE A 2 -4.07 -25.85 5.14
N VAL A 3 -4.02 -25.88 6.46
CA VAL A 3 -4.00 -24.64 7.23
C VAL A 3 -2.54 -24.28 7.57
N MET A 4 -2.18 -23.01 7.34
CA MET A 4 -0.84 -22.47 7.58
C MET A 4 -0.91 -21.48 8.74
N THR A 5 -0.26 -21.80 9.85
CA THR A 5 -0.28 -20.96 11.04
C THR A 5 1.08 -20.34 11.23
N GLN A 6 1.16 -19.02 11.09
CA GLN A 6 2.38 -18.25 11.25
C GLN A 6 2.49 -17.70 12.65
N SER A 7 3.73 -17.52 13.13
CA SER A 7 4.04 -17.04 14.47
C SER A 7 5.42 -16.36 14.49
N PRO A 8 5.56 -15.12 15.03
CA PRO A 8 4.50 -14.27 15.57
C PRO A 8 3.75 -13.56 14.43
N LEU A 9 2.75 -12.75 14.77
CA LEU A 9 1.99 -11.97 13.81
C LEU A 9 2.72 -10.63 13.55
N SER A 10 3.64 -10.27 14.44
CA SER A 10 4.46 -9.08 14.32
C SER A 10 5.67 -9.17 15.24
N LEU A 11 6.71 -8.45 14.89
CA LEU A 11 7.92 -8.35 15.68
C LEU A 11 8.72 -7.15 15.24
N SER A 12 9.49 -6.62 16.17
CA SER A 12 10.28 -5.41 15.99
C SER A 12 11.70 -5.78 16.30
N VAL A 13 12.57 -5.72 15.28
CA VAL A 13 13.97 -6.12 15.38
C VAL A 13 14.90 -4.95 15.01
N THR A 14 15.94 -4.71 15.81
CA THR A 14 16.89 -3.64 15.50
C THR A 14 17.87 -4.06 14.38
N PRO A 15 18.20 -3.21 13.36
CA PRO A 15 19.11 -3.67 12.29
C PRO A 15 20.44 -4.23 12.80
N GLY A 16 20.81 -5.39 12.26
CA GLY A 16 22.04 -6.11 12.60
C GLY A 16 21.79 -7.33 13.47
N GLU A 17 20.62 -7.34 14.13
CA GLU A 17 20.13 -8.40 15.03
C GLU A 17 19.34 -9.47 14.20
N PRO A 18 19.25 -10.75 14.65
CA PRO A 18 18.45 -11.73 13.90
C PRO A 18 16.92 -11.67 14.11
N ALA A 19 16.17 -12.29 13.15
CA ALA A 19 14.73 -12.43 13.18
C ALA A 19 14.36 -13.84 12.75
N SER A 20 13.37 -14.43 13.43
CA SER A 20 12.91 -15.76 13.11
C SER A 20 11.39 -15.80 13.05
N ILE A 21 10.82 -16.43 12.00
CA ILE A 21 9.37 -16.55 11.80
C ILE A 21 9.03 -18.03 11.67
N SER A 22 8.05 -18.48 12.47
CA SER A 22 7.55 -19.84 12.44
C SER A 22 6.30 -20.00 11.57
N CYS A 23 6.21 -21.15 10.93
CA CYS A 23 5.09 -21.52 10.09
C CYS A 23 4.82 -22.99 10.35
N ARG A 24 3.59 -23.31 10.75
CA ARG A 24 3.15 -24.65 11.06
C ARG A 24 2.12 -25.04 10.02
N SER A 25 2.28 -26.20 9.39
CA SER A 25 1.33 -26.70 8.40
C SER A 25 0.40 -27.74 9.07
N SER A 26 -0.91 -27.71 8.73
CA SER A 26 -1.93 -28.66 9.25
C SER A 26 -1.78 -30.03 8.62
N GLN A 27 -1.06 -30.09 7.49
CA GLN A 27 -0.78 -31.34 6.76
C GLN A 27 0.70 -31.43 6.39
N SER A 28 1.18 -32.65 6.14
CA SER A 28 2.58 -32.87 5.76
C SER A 28 2.88 -32.25 4.41
N LEU A 29 3.94 -31.45 4.35
CA LEU A 29 4.38 -30.82 3.11
C LEU A 29 5.63 -31.48 2.53
N LEU A 30 6.11 -32.58 3.18
CA LEU A 30 7.28 -33.36 2.76
C LEU A 30 7.10 -34.09 1.42
N ARG A 31 8.11 -33.91 0.53
CA ARG A 31 8.21 -34.50 -0.82
C ARG A 31 9.14 -35.71 -0.77
N ARG A 32 8.99 -36.63 -1.74
CA ARG A 32 9.80 -37.85 -1.91
C ARG A 32 11.31 -37.52 -2.05
N ASP A 33 11.64 -36.40 -2.75
CA ASP A 33 12.99 -35.89 -3.01
C ASP A 33 13.73 -35.19 -1.84
N GLY A 34 13.11 -35.12 -0.65
CA GLY A 34 13.71 -34.51 0.53
C GLY A 34 13.34 -33.05 0.76
N HIS A 35 12.78 -32.39 -0.27
CA HIS A 35 12.35 -31.01 -0.15
C HIS A 35 10.93 -30.97 0.44
N ASN A 36 10.38 -29.75 0.59
CA ASN A 36 9.03 -29.51 1.10
C ASN A 36 8.32 -28.52 0.20
N ASP A 37 7.02 -28.68 0.04
CA ASP A 37 6.21 -27.81 -0.78
C ASP A 37 5.80 -26.60 0.06
N LEU A 38 6.81 -25.82 0.45
CA LEU A 38 6.67 -24.65 1.28
C LEU A 38 7.48 -23.47 0.75
N GLU A 39 6.82 -22.32 0.61
CA GLU A 39 7.43 -21.09 0.13
C GLU A 39 7.29 -19.95 1.13
N TRP A 40 8.19 -18.98 1.02
CA TRP A 40 8.21 -17.76 1.83
C TRP A 40 8.22 -16.55 0.91
N TYR A 41 7.29 -15.62 1.15
CA TYR A 41 7.16 -14.36 0.38
C TYR A 41 7.35 -13.18 1.28
N LEU A 42 7.89 -12.10 0.74
CA LEU A 42 7.97 -10.84 1.46
C LEU A 42 7.13 -9.82 0.65
N GLN A 43 6.31 -9.02 1.35
CA GLN A 43 5.59 -7.93 0.71
C GLN A 43 6.03 -6.63 1.38
N LYS A 44 6.82 -5.83 0.64
CA LYS A 44 7.31 -4.53 1.06
C LYS A 44 6.17 -3.50 0.87
N PRO A 45 6.15 -2.38 1.65
CA PRO A 45 5.06 -1.39 1.50
C PRO A 45 4.92 -0.84 0.07
N GLY A 46 3.67 -0.75 -0.40
CA GLY A 46 3.33 -0.28 -1.75
C GLY A 46 3.77 -1.19 -2.87
N GLN A 47 4.04 -2.50 -2.56
CA GLN A 47 4.53 -3.49 -3.52
C GLN A 47 3.72 -4.80 -3.50
N SER A 48 3.90 -5.62 -4.56
CA SER A 48 3.36 -6.97 -4.70
C SER A 48 4.23 -7.91 -3.85
N PRO A 49 3.72 -9.12 -3.44
CA PRO A 49 4.60 -10.09 -2.76
C PRO A 49 5.73 -10.54 -3.66
N GLN A 50 6.90 -10.85 -3.09
CA GLN A 50 8.10 -11.24 -3.83
C GLN A 50 8.64 -12.53 -3.24
N PRO A 51 9.08 -13.49 -4.08
CA PRO A 51 9.57 -14.77 -3.55
C PRO A 51 10.88 -14.64 -2.81
N LEU A 52 11.02 -15.41 -1.70
CA LEU A 52 12.28 -15.46 -0.94
C LEU A 52 12.80 -16.85 -0.90
N ILE A 53 11.95 -17.81 -0.51
CA ILE A 53 12.30 -19.22 -0.37
C ILE A 53 11.24 -20.10 -1.06
N TYR A 54 11.67 -21.21 -1.68
CA TYR A 54 10.80 -22.20 -2.27
C TYR A 54 11.36 -23.57 -1.98
N LEU A 55 10.58 -24.65 -2.18
CA LEU A 55 11.03 -26.01 -1.85
C LEU A 55 11.49 -26.13 -0.37
N GLY A 56 11.00 -25.20 0.46
CA GLY A 56 11.25 -25.12 1.89
C GLY A 56 12.51 -24.39 2.31
N SER A 57 13.57 -24.47 1.48
CA SER A 57 14.90 -23.97 1.81
C SER A 57 15.72 -23.36 0.66
N THR A 58 15.21 -23.40 -0.56
CA THR A 58 15.92 -22.84 -1.72
C THR A 58 15.68 -21.35 -1.79
N ARG A 59 16.76 -20.55 -1.83
CA ARG A 59 16.61 -19.11 -1.97
C ARG A 59 16.22 -18.75 -3.41
N ALA A 60 15.24 -17.81 -3.57
CA ALA A 60 14.81 -17.26 -4.85
C ALA A 60 15.97 -16.45 -5.43
N SER A 61 16.03 -16.25 -6.77
CA SER A 61 17.11 -15.46 -7.41
C SER A 61 17.23 -14.05 -6.84
N GLY A 62 18.45 -13.66 -6.54
CA GLY A 62 18.79 -12.35 -5.98
C GLY A 62 18.60 -12.19 -4.50
N VAL A 63 18.09 -13.24 -3.83
CA VAL A 63 17.80 -13.23 -2.38
C VAL A 63 19.07 -13.60 -1.64
N PRO A 64 19.57 -12.73 -0.76
CA PRO A 64 20.88 -12.99 -0.15
C PRO A 64 20.92 -14.06 0.93
N ASP A 65 22.15 -14.51 1.22
CA ASP A 65 22.62 -15.46 2.25
C ASP A 65 21.94 -15.28 3.62
N ARG A 66 21.76 -14.03 4.06
CA ARG A 66 21.11 -13.71 5.36
C ARG A 66 19.72 -14.25 5.57
N PHE A 67 19.02 -14.63 4.47
CA PHE A 67 17.69 -15.22 4.48
C PHE A 67 17.81 -16.73 4.34
N SER A 68 17.17 -17.47 5.23
CA SER A 68 17.17 -18.91 5.16
C SER A 68 15.85 -19.51 5.56
N GLY A 69 15.49 -20.56 4.88
CA GLY A 69 14.29 -21.34 5.17
C GLY A 69 14.77 -22.70 5.64
N SER A 70 14.16 -23.20 6.71
CA SER A 70 14.46 -24.51 7.28
C SER A 70 13.19 -25.13 7.87
N GLY A 71 13.28 -26.41 8.19
CA GLY A 71 12.18 -27.17 8.75
C GLY A 71 11.81 -28.33 7.84
N SER A 72 10.91 -29.20 8.32
CA SER A 72 10.49 -30.34 7.53
C SER A 72 9.12 -30.85 7.95
N GLY A 73 8.40 -31.32 6.95
CA GLY A 73 7.09 -31.88 7.14
C GLY A 73 6.01 -30.87 7.45
N THR A 74 5.95 -30.41 8.70
CA THR A 74 4.90 -29.49 9.13
C THR A 74 5.41 -28.23 9.83
N ASP A 75 6.64 -28.23 10.33
CA ASP A 75 7.20 -27.12 11.10
C ASP A 75 8.30 -26.39 10.37
N PHE A 76 8.05 -25.12 10.02
CA PHE A 76 8.93 -24.29 9.21
C PHE A 76 9.43 -23.00 9.85
N THR A 77 10.65 -22.63 9.51
CA THR A 77 11.26 -21.40 10.02
C THR A 77 11.89 -20.57 8.92
N LEU A 78 11.61 -19.27 8.91
CA LEU A 78 12.30 -18.31 8.05
C LEU A 78 13.18 -17.55 9.01
N LYS A 79 14.48 -17.52 8.71
CA LYS A 79 15.45 -16.77 9.50
C LYS A 79 16.06 -15.66 8.66
N ILE A 80 16.22 -14.49 9.29
CA ILE A 80 16.95 -13.36 8.73
C ILE A 80 18.10 -13.20 9.72
N ILE A 81 19.29 -13.71 9.36
CA ILE A 81 20.47 -13.67 10.25
C ILE A 81 20.86 -12.27 10.72
N ARG A 82 20.77 -11.28 9.83
CA ARG A 82 21.10 -9.89 10.11
C ARG A 82 20.00 -9.04 9.46
N VAL A 83 19.17 -8.41 10.28
CA VAL A 83 18.08 -7.61 9.75
C VAL A 83 18.60 -6.26 9.24
N GLU A 84 18.03 -5.78 8.13
CA GLU A 84 18.35 -4.52 7.45
C GLU A 84 17.06 -3.69 7.35
N ALA A 85 17.20 -2.36 7.34
CA ALA A 85 16.08 -1.43 7.19
C ALA A 85 15.16 -1.84 6.01
N GLU A 86 15.74 -2.26 4.85
CA GLU A 86 15.00 -2.68 3.64
C GLU A 86 14.08 -3.90 3.83
N ASP A 87 14.34 -4.69 4.87
CA ASP A 87 13.55 -5.86 5.23
C ASP A 87 12.16 -5.55 5.76
N ALA A 88 11.86 -4.28 6.11
CA ALA A 88 10.55 -3.87 6.60
C ALA A 88 9.44 -4.34 5.59
N GLY A 89 8.42 -5.00 6.13
CA GLY A 89 7.31 -5.52 5.35
C GLY A 89 6.61 -6.68 6.01
N THR A 90 5.72 -7.35 5.29
CA THR A 90 4.97 -8.50 5.83
C THR A 90 5.43 -9.76 5.16
N TYR A 91 5.75 -10.76 5.96
CA TYR A 91 6.24 -12.05 5.47
C TYR A 91 5.15 -13.06 5.53
N TYR A 92 4.98 -13.86 4.47
CA TYR A 92 3.96 -14.89 4.42
C TYR A 92 4.56 -16.23 4.06
N CYS A 93 4.13 -17.28 4.72
CA CYS A 93 4.53 -18.61 4.29
C CYS A 93 3.38 -19.10 3.40
N MET A 94 3.64 -20.07 2.51
CA MET A 94 2.64 -20.60 1.61
C MET A 94 2.92 -22.07 1.23
N GLN A 95 1.88 -22.88 1.20
CA GLN A 95 1.99 -24.25 0.76
C GLN A 95 1.61 -24.32 -0.70
N ASN A 96 2.40 -25.04 -1.47
CA ASN A 96 2.12 -25.23 -2.89
C ASN A 96 2.00 -26.74 -3.20
N LYS A 97 1.69 -27.56 -2.15
CA LYS A 97 1.54 -29.01 -2.30
C LYS A 97 0.33 -29.33 -3.17
N GLN A 98 -0.77 -28.66 -2.87
CA GLN A 98 -2.03 -28.86 -3.54
C GLN A 98 -2.86 -27.63 -3.49
N THR A 99 -3.90 -27.68 -4.29
CA THR A 99 -4.99 -26.73 -4.50
C THR A 99 -6.05 -26.89 -3.36
N PRO A 100 -6.61 -25.81 -2.77
CA PRO A 100 -6.26 -24.39 -2.97
C PRO A 100 -4.90 -24.08 -2.40
N LEU A 101 -4.15 -23.10 -2.96
CA LEU A 101 -2.86 -22.74 -2.35
C LEU A 101 -3.24 -21.94 -1.11
N THR A 102 -2.53 -22.16 0.00
CA THR A 102 -2.85 -21.49 1.25
C THR A 102 -1.66 -20.85 1.87
N PHE A 103 -1.92 -19.68 2.44
CA PHE A 103 -0.96 -18.79 3.07
C PHE A 103 -1.19 -18.69 4.57
N GLY A 104 -0.15 -18.28 5.29
CA GLY A 104 -0.25 -17.99 6.71
C GLY A 104 -0.83 -16.60 6.85
N GLN A 105 -1.19 -16.17 8.08
CA GLN A 105 -1.82 -14.85 8.36
C GLN A 105 -0.96 -13.66 7.92
N GLY A 106 0.36 -13.86 7.92
CA GLY A 106 1.35 -12.86 7.59
C GLY A 106 2.01 -12.34 8.85
N THR A 107 3.31 -12.00 8.76
CA THR A 107 4.09 -11.49 9.87
C THR A 107 4.67 -10.12 9.52
N ARG A 108 4.27 -9.10 10.25
CA ARG A 108 4.80 -7.78 9.99
C ARG A 108 6.10 -7.53 10.71
N LEU A 109 7.19 -7.37 9.94
CA LEU A 109 8.49 -7.05 10.50
C LEU A 109 8.70 -5.55 10.60
N GLU A 110 8.73 -5.03 11.83
CA GLU A 110 9.06 -3.64 12.12
C GLU A 110 10.57 -3.52 12.34
N ILE A 111 11.21 -2.57 11.67
CA ILE A 111 12.62 -2.29 11.88
C ILE A 111 12.70 -1.33 13.07
N LYS A 112 13.35 -1.78 14.13
CA LYS A 112 13.46 -0.98 15.34
C LYS A 112 14.61 0.02 15.21
N ARG A 113 14.31 1.28 15.38
CA ARG A 113 15.35 2.28 15.27
C ARG A 113 15.34 3.17 16.49
N THR A 114 16.22 4.18 16.53
CA THR A 114 16.33 5.13 17.64
C THR A 114 15.09 6.03 17.61
N VAL A 115 14.59 6.44 18.79
CA VAL A 115 13.44 7.33 18.87
C VAL A 115 13.78 8.61 18.10
N ALA A 116 12.85 9.03 17.21
CA ALA A 116 12.95 10.22 16.39
C ALA A 116 11.65 11.01 16.54
N ALA A 117 11.77 12.26 17.03
CA ALA A 117 10.65 13.18 17.22
C ALA A 117 10.14 13.63 15.85
N PRO A 118 8.83 13.86 15.66
CA PRO A 118 8.39 14.34 14.35
C PRO A 118 8.71 15.82 14.13
N SER A 119 8.83 16.20 12.85
CA SER A 119 8.91 17.59 12.41
C SER A 119 7.43 17.86 12.12
N VAL A 120 6.89 18.98 12.59
CA VAL A 120 5.45 19.30 12.48
C VAL A 120 5.21 20.56 11.65
N PHE A 121 4.33 20.43 10.67
CA PHE A 121 3.93 21.42 9.66
C PHE A 121 2.43 21.46 9.59
N ILE A 122 1.87 22.67 9.52
CA ILE A 122 0.43 22.92 9.45
C ILE A 122 0.09 23.69 8.15
N PHE A 123 -0.94 23.23 7.46
CA PHE A 123 -1.39 23.84 6.23
C PHE A 123 -2.79 24.35 6.33
N PRO A 124 -3.01 25.69 6.29
CA PRO A 124 -4.40 26.21 6.23
C PRO A 124 -5.13 25.74 4.97
N PRO A 125 -6.48 25.85 4.89
CA PRO A 125 -7.16 25.57 3.63
C PRO A 125 -6.58 26.45 2.50
N SER A 126 -6.43 25.88 1.31
CA SER A 126 -5.94 26.69 0.22
C SER A 126 -7.06 27.67 -0.22
N ASP A 127 -6.65 28.81 -0.80
CA ASP A 127 -7.57 29.81 -1.31
C ASP A 127 -8.43 29.18 -2.40
N GLU A 128 -7.84 28.27 -3.16
CA GLU A 128 -8.56 27.55 -4.20
C GLU A 128 -9.62 26.58 -3.66
N GLN A 129 -9.34 25.92 -2.51
CA GLN A 129 -10.34 25.05 -1.86
C GLN A 129 -11.47 25.89 -1.29
N LEU A 130 -11.14 27.02 -0.62
CA LEU A 130 -12.11 27.97 -0.05
C LEU A 130 -13.04 28.51 -1.13
N LYS A 131 -12.53 28.69 -2.35
CA LYS A 131 -13.27 29.14 -3.54
C LYS A 131 -14.35 28.12 -3.97
N SER A 132 -14.06 26.81 -3.79
CA SER A 132 -14.95 25.70 -4.12
C SER A 132 -16.02 25.45 -3.05
N GLY A 133 -15.96 26.22 -1.96
CA GLY A 133 -16.92 26.18 -0.86
C GLY A 133 -16.60 25.22 0.27
N THR A 134 -15.37 24.71 0.33
CA THR A 134 -14.99 23.74 1.34
C THR A 134 -13.67 24.13 2.06
N ALA A 135 -13.37 23.52 3.24
CA ALA A 135 -12.16 23.85 4.02
C ALA A 135 -11.51 22.64 4.73
N SER A 136 -10.22 22.36 4.44
CA SER A 136 -9.46 21.26 5.05
C SER A 136 -8.20 21.83 5.63
N VAL A 137 -7.97 21.57 6.91
CA VAL A 137 -6.75 22.00 7.58
C VAL A 137 -5.89 20.72 7.68
N VAL A 138 -4.65 20.80 7.21
CA VAL A 138 -3.77 19.64 7.21
C VAL A 138 -2.61 19.79 8.23
N CYS A 139 -2.46 18.84 9.13
CA CYS A 139 -1.34 18.82 10.05
C CYS A 139 -0.46 17.66 9.67
N LEU A 140 0.82 17.94 9.34
CA LEU A 140 1.79 16.94 8.96
C LEU A 140 2.79 16.65 10.09
N LEU A 141 2.98 15.33 10.42
CA LEU A 141 3.97 14.85 11.40
C LEU A 141 4.94 14.05 10.58
N ASN A 142 6.14 14.57 10.36
CA ASN A 142 7.12 13.95 9.49
C ASN A 142 8.22 13.18 10.18
N ASN A 143 8.53 12.00 9.62
CA ASN A 143 9.66 11.13 9.97
C ASN A 143 9.91 10.88 11.44
N PHE A 144 8.98 10.17 12.09
CA PHE A 144 9.05 9.85 13.51
C PHE A 144 9.11 8.35 13.80
N TYR A 145 9.55 8.00 15.01
CA TYR A 145 9.67 6.66 15.52
C TYR A 145 9.61 6.73 17.06
N PRO A 146 8.82 5.87 17.76
CA PRO A 146 7.91 4.82 17.25
C PRO A 146 6.65 5.43 16.62
N ARG A 147 5.75 4.59 16.12
CA ARG A 147 4.57 5.09 15.41
C ARG A 147 3.49 5.72 16.25
N GLU A 148 3.49 5.41 17.54
CA GLU A 148 2.50 5.93 18.47
C GLU A 148 2.70 7.43 18.60
N ALA A 149 1.70 8.17 18.16
CA ALA A 149 1.69 9.63 18.13
C ALA A 149 0.26 10.05 18.32
N LYS A 150 0.05 11.16 19.02
CA LYS A 150 -1.29 11.67 19.27
C LYS A 150 -1.39 13.09 18.74
N VAL A 151 -2.44 13.37 17.94
CA VAL A 151 -2.69 14.72 17.46
C VAL A 151 -4.03 15.25 17.97
N GLN A 152 -3.98 16.41 18.62
CA GLN A 152 -5.12 17.10 19.18
C GLN A 152 -5.32 18.38 18.40
N TRP A 153 -6.56 18.65 17.98
CA TRP A 153 -6.93 19.85 17.23
C TRP A 153 -7.75 20.75 18.08
N LYS A 154 -7.45 22.04 18.04
CA LYS A 154 -8.20 23.09 18.74
C LYS A 154 -8.47 24.19 17.74
N VAL A 155 -9.66 24.75 17.78
CA VAL A 155 -10.10 25.86 16.90
C VAL A 155 -10.63 26.88 17.92
N ASP A 156 -9.88 27.98 18.10
CA ASP A 156 -10.16 29.01 19.11
C ASP A 156 -10.28 28.39 20.50
N ASN A 157 -9.35 27.47 20.83
CA ASN A 157 -9.29 26.74 22.11
C ASN A 157 -10.37 25.67 22.30
N ALA A 158 -11.17 25.40 21.26
CA ALA A 158 -12.21 24.37 21.33
C ALA A 158 -11.69 23.07 20.82
N LEU A 159 -11.57 22.08 21.71
CA LEU A 159 -11.14 20.73 21.37
C LEU A 159 -12.09 20.14 20.31
N GLN A 160 -11.51 19.68 19.20
CA GLN A 160 -12.21 19.10 18.07
C GLN A 160 -12.26 17.61 18.24
N SER A 161 -13.48 17.11 18.25
CA SER A 161 -13.69 15.70 18.46
C SER A 161 -14.64 15.12 17.35
N GLY A 162 -14.10 14.24 16.50
CA GLY A 162 -14.85 13.63 15.41
C GLY A 162 -14.79 14.29 14.03
N ASN A 163 -14.08 15.43 13.88
CA ASN A 163 -14.02 16.13 12.57
C ASN A 163 -12.65 16.11 11.93
N SER A 164 -11.84 15.14 12.33
CA SER A 164 -10.51 14.92 11.77
C SER A 164 -10.31 13.46 11.40
N GLN A 165 -9.46 13.24 10.38
CA GLN A 165 -9.10 11.91 9.90
C GLN A 165 -7.60 11.82 9.80
N GLU A 166 -7.03 10.69 10.21
CA GLU A 166 -5.59 10.48 10.17
C GLU A 166 -5.21 9.43 9.14
N SER A 167 -3.99 9.56 8.63
CA SER A 167 -3.40 8.61 7.70
C SER A 167 -1.92 8.50 8.06
N VAL A 168 -1.43 7.27 8.25
CA VAL A 168 -0.04 6.99 8.58
C VAL A 168 0.56 6.19 7.40
N THR A 169 1.74 6.61 6.94
CA THR A 169 2.45 5.86 5.93
C THR A 169 3.03 4.60 6.60
N GLU A 170 3.40 3.64 5.78
CA GLU A 170 4.02 2.42 6.27
C GLU A 170 5.48 2.76 6.64
N GLN A 171 6.14 1.87 7.40
CA GLN A 171 7.52 2.14 7.79
C GLN A 171 8.43 2.28 6.58
N ASP A 172 9.09 3.45 6.50
CA ASP A 172 10.02 3.78 5.42
C ASP A 172 11.15 2.77 5.33
N SER A 173 11.38 2.23 4.12
CA SER A 173 12.36 1.20 3.79
C SER A 173 13.82 1.60 3.98
N LYS A 174 14.09 2.91 4.09
CA LYS A 174 15.45 3.43 4.20
C LYS A 174 15.79 3.95 5.62
N ASP A 175 14.97 4.87 6.17
CA ASP A 175 15.25 5.49 7.47
C ASP A 175 14.46 4.96 8.63
N SER A 176 13.57 3.97 8.38
CA SER A 176 12.73 3.23 9.35
C SER A 176 11.66 4.02 10.13
N THR A 177 11.35 5.22 9.68
CA THR A 177 10.38 6.13 10.30
C THR A 177 8.98 6.05 9.66
N TYR A 178 8.02 6.72 10.31
CA TYR A 178 6.62 6.82 9.90
C TYR A 178 6.31 8.27 9.69
N SER A 179 5.24 8.57 8.94
CA SER A 179 4.76 9.94 8.74
C SER A 179 3.27 9.94 8.87
N LEU A 180 2.72 10.97 9.45
CA LEU A 180 1.30 11.01 9.65
C LEU A 180 0.70 12.31 9.12
N SER A 181 -0.49 12.19 8.54
CA SER A 181 -1.26 13.35 8.12
C SER A 181 -2.56 13.37 8.92
N SER A 182 -2.86 14.48 9.57
CA SER A 182 -4.15 14.64 10.23
C SER A 182 -4.93 15.76 9.55
N THR A 183 -6.14 15.46 9.09
CA THR A 183 -6.96 16.44 8.37
C THR A 183 -8.15 16.84 9.17
N LEU A 184 -8.30 18.16 9.38
CA LEU A 184 -9.46 18.73 10.03
C LEU A 184 -10.45 19.23 8.96
N THR A 185 -11.61 18.62 8.92
CA THR A 185 -12.69 19.01 7.99
C THR A 185 -13.68 19.96 8.68
N LEU A 186 -13.90 21.12 8.07
CA LEU A 186 -14.93 22.08 8.49
C LEU A 186 -15.55 22.76 7.31
N SER A 187 -16.75 23.31 7.50
CA SER A 187 -17.43 24.07 6.47
C SER A 187 -16.66 25.39 6.28
N LYS A 188 -16.78 26.01 5.12
CA LYS A 188 -16.17 27.31 4.86
C LYS A 188 -16.70 28.38 5.86
N ALA A 189 -18.01 28.31 6.21
CA ALA A 189 -18.63 29.25 7.16
C ALA A 189 -18.00 29.10 8.54
N ASP A 190 -17.78 27.87 9.00
CA ASP A 190 -17.13 27.65 10.29
C ASP A 190 -15.69 28.05 10.26
N TYR A 191 -14.98 27.76 9.13
CA TYR A 191 -13.57 28.16 9.01
C TYR A 191 -13.46 29.65 9.14
N GLU A 192 -14.35 30.42 8.47
CA GLU A 192 -14.37 31.90 8.47
C GLU A 192 -14.83 32.56 9.77
N LYS A 193 -15.55 31.82 10.62
CA LYS A 193 -16.06 32.21 11.92
C LYS A 193 -14.98 32.18 13.02
N HIS A 194 -13.84 31.50 12.77
CA HIS A 194 -12.75 31.33 13.76
C HIS A 194 -11.39 31.83 13.31
N LYS A 195 -10.49 32.08 14.27
CA LYS A 195 -9.15 32.62 14.06
C LYS A 195 -7.99 31.63 14.30
N VAL A 196 -7.91 31.01 15.48
CA VAL A 196 -6.76 30.16 15.80
C VAL A 196 -7.01 28.68 15.52
N TYR A 197 -6.23 28.10 14.60
CA TYR A 197 -6.20 26.71 14.18
C TYR A 197 -4.92 26.11 14.69
N ALA A 198 -5.01 25.26 15.72
CA ALA A 198 -3.89 24.64 16.40
C ALA A 198 -3.92 23.13 16.39
N CYS A 199 -2.76 22.57 16.08
CA CYS A 199 -2.47 21.17 16.02
C CYS A 199 -1.45 20.87 17.15
N GLU A 200 -1.84 20.04 18.12
CA GLU A 200 -1.00 19.65 19.25
C GLU A 200 -0.52 18.19 19.10
N VAL A 201 0.79 18.02 19.11
CA VAL A 201 1.40 16.72 18.87
C VAL A 201 2.08 16.17 20.10
N THR A 202 1.73 14.92 20.45
CA THR A 202 2.35 14.18 21.54
C THR A 202 3.06 12.95 20.95
N HIS A 203 4.35 12.80 21.30
CA HIS A 203 5.20 11.72 20.83
C HIS A 203 6.33 11.51 21.84
N GLN A 204 6.77 10.23 22.03
CA GLN A 204 7.88 9.80 22.91
C GLN A 204 9.14 10.65 22.78
N GLY A 205 9.45 11.06 21.54
CA GLY A 205 10.61 11.87 21.16
C GLY A 205 10.57 13.34 21.54
N LEU A 206 9.42 13.83 22.06
CA LEU A 206 9.24 15.20 22.54
C LEU A 206 9.06 15.18 24.06
N SER A 207 9.85 15.98 24.78
CA SER A 207 9.79 16.07 26.25
C SER A 207 8.44 16.60 26.72
N SER A 208 7.84 17.49 25.90
CA SER A 208 6.54 18.13 26.08
C SER A 208 5.79 18.12 24.75
N PRO A 209 4.42 18.15 24.72
CA PRO A 209 3.72 18.18 23.42
C PRO A 209 3.98 19.48 22.67
N VAL A 210 4.20 19.36 21.36
CA VAL A 210 4.47 20.47 20.43
C VAL A 210 3.16 20.94 19.74
N THR A 211 2.96 22.26 19.65
CA THR A 211 1.80 22.90 19.04
C THR A 211 2.23 23.75 17.85
N LYS A 212 1.61 23.51 16.68
CA LYS A 212 1.80 24.28 15.45
C LYS A 212 0.45 24.89 15.13
N SER A 213 0.42 26.20 14.94
CA SER A 213 -0.83 26.90 14.69
C SER A 213 -0.67 28.03 13.72
N PHE A 214 -1.79 28.51 13.19
CA PHE A 214 -1.88 29.68 12.35
C PHE A 214 -3.15 30.41 12.73
N ASN A 215 -3.21 31.70 12.40
CA ASN A 215 -4.36 32.53 12.62
C ASN A 215 -4.91 32.79 11.24
N ARG A 216 -6.21 32.51 11.03
CA ARG A 216 -6.89 32.74 9.75
C ARG A 216 -6.77 34.23 9.43
N GLY A 217 -6.44 34.53 8.18
CA GLY A 217 -6.22 35.89 7.68
C GLY A 217 -4.95 36.48 8.28
N GLU A 218 -3.97 35.61 8.57
CA GLU A 218 -2.65 35.87 9.18
C GLU A 218 -2.62 36.67 10.50
N CYS A 219 -3.80 36.98 11.07
CA CYS A 219 -4.00 37.73 12.31
C CYS A 219 -3.54 37.00 13.56
N GLU B 1 13.12 -8.12 -23.00
CA GLU B 1 12.56 -7.84 -21.67
C GLU B 1 11.42 -8.75 -21.28
N VAL B 2 11.29 -9.01 -19.95
CA VAL B 2 10.23 -9.82 -19.35
C VAL B 2 9.22 -8.91 -18.60
N GLN B 3 7.92 -9.05 -18.91
CA GLN B 3 6.85 -8.21 -18.33
C GLN B 3 5.50 -8.94 -18.20
N LEU B 4 4.68 -8.50 -17.22
CA LEU B 4 3.33 -9.00 -16.97
C LEU B 4 2.35 -7.82 -16.83
N VAL B 5 1.62 -7.48 -17.92
CA VAL B 5 0.62 -6.40 -17.95
C VAL B 5 -0.74 -6.93 -17.43
N GLU B 6 -1.28 -6.28 -16.39
CA GLU B 6 -2.57 -6.61 -15.79
C GLU B 6 -3.60 -5.51 -15.96
N SER B 7 -4.80 -5.88 -16.40
CA SER B 7 -5.90 -4.93 -16.62
C SER B 7 -7.25 -5.65 -16.51
N GLY B 8 -8.31 -4.92 -16.86
CA GLY B 8 -9.68 -5.43 -16.84
C GLY B 8 -10.32 -5.31 -15.48
N GLY B 9 -9.63 -4.62 -14.55
CA GLY B 9 -10.08 -4.38 -13.19
C GLY B 9 -11.06 -3.23 -13.13
N GLY B 10 -10.99 -2.44 -12.08
CA GLY B 10 -11.85 -1.28 -11.89
C GLY B 10 -13.12 -1.47 -11.07
N LEU B 11 -14.01 -0.45 -11.15
CA LEU B 11 -15.29 -0.34 -10.46
C LEU B 11 -16.36 -1.16 -11.19
N VAL B 12 -17.12 -1.91 -10.40
CA VAL B 12 -18.21 -2.79 -10.81
C VAL B 12 -19.26 -2.80 -9.68
N GLN B 13 -20.53 -2.87 -10.03
CA GLN B 13 -21.61 -2.86 -9.05
C GLN B 13 -21.86 -4.27 -8.49
N PRO B 14 -22.40 -4.37 -7.26
CA PRO B 14 -22.77 -5.70 -6.73
C PRO B 14 -23.66 -6.46 -7.72
N GLY B 15 -23.31 -7.72 -7.97
CA GLY B 15 -24.03 -8.62 -8.89
C GLY B 15 -23.45 -8.59 -10.29
N GLY B 16 -22.55 -7.64 -10.52
CA GLY B 16 -21.88 -7.42 -11.80
C GLY B 16 -20.79 -8.43 -12.12
N SER B 17 -20.13 -8.19 -13.26
CA SER B 17 -19.07 -9.04 -13.78
C SER B 17 -17.88 -8.22 -14.17
N LEU B 18 -16.72 -8.87 -14.13
CA LEU B 18 -15.42 -8.33 -14.51
C LEU B 18 -14.55 -9.45 -15.16
N LYS B 19 -13.82 -9.11 -16.22
CA LYS B 19 -12.90 -10.02 -16.88
C LYS B 19 -11.46 -9.44 -16.78
N LEU B 20 -10.66 -9.96 -15.85
CA LEU B 20 -9.29 -9.51 -15.62
C LEU B 20 -8.37 -10.13 -16.68
N SER B 21 -7.36 -9.39 -17.10
CA SER B 21 -6.44 -9.89 -18.11
C SER B 21 -5.01 -9.87 -17.64
N CYS B 22 -4.27 -10.90 -18.01
CA CYS B 22 -2.87 -11.03 -17.61
C CYS B 22 -2.04 -11.29 -18.86
N ALA B 23 -1.48 -10.20 -19.42
CA ALA B 23 -0.70 -10.18 -20.65
C ALA B 23 0.80 -10.42 -20.42
N ALA B 24 1.35 -11.48 -21.01
CA ALA B 24 2.77 -11.78 -20.86
C ALA B 24 3.60 -11.23 -22.02
N SER B 25 4.80 -10.70 -21.72
CA SER B 25 5.75 -10.22 -22.72
C SER B 25 7.12 -10.86 -22.43
N GLY B 26 7.76 -11.43 -23.45
CA GLY B 26 9.07 -12.05 -23.33
C GLY B 26 9.11 -13.55 -23.07
N PHE B 27 7.97 -14.15 -22.77
CA PHE B 27 7.89 -15.58 -22.50
C PHE B 27 6.50 -16.07 -22.92
N THR B 28 6.40 -17.36 -23.27
CA THR B 28 5.15 -17.98 -23.71
C THR B 28 4.33 -18.54 -22.52
N LEU B 29 3.12 -17.96 -22.28
CA LEU B 29 2.17 -18.34 -21.21
C LEU B 29 1.66 -19.80 -21.22
N SER B 30 1.54 -20.42 -22.41
CA SER B 30 1.06 -21.78 -22.59
C SER B 30 1.95 -22.83 -21.89
N GLY B 31 3.22 -22.46 -21.62
CA GLY B 31 4.19 -23.31 -20.93
C GLY B 31 4.27 -23.08 -19.44
N SER B 32 3.44 -22.20 -18.90
CA SER B 32 3.44 -21.87 -17.47
C SER B 32 2.08 -22.12 -16.84
N ASN B 33 2.05 -22.32 -15.50
CA ASN B 33 0.82 -22.43 -14.75
C ASN B 33 0.55 -21.00 -14.21
N VAL B 34 -0.63 -20.44 -14.54
CA VAL B 34 -1.04 -19.08 -14.17
C VAL B 34 -2.04 -19.15 -13.03
N HIS B 35 -1.70 -18.47 -11.93
CA HIS B 35 -2.51 -18.40 -10.71
C HIS B 35 -3.00 -16.98 -10.50
N TRP B 36 -4.06 -16.85 -9.72
CA TRP B 36 -4.64 -15.58 -9.33
C TRP B 36 -4.79 -15.59 -7.84
N VAL B 37 -4.28 -14.53 -7.21
CA VAL B 37 -4.30 -14.31 -5.77
C VAL B 37 -4.82 -12.88 -5.53
N ARG B 38 -5.73 -12.73 -4.58
CA ARG B 38 -6.26 -11.44 -4.21
C ARG B 38 -5.81 -11.00 -2.81
N GLN B 39 -5.91 -9.70 -2.54
CA GLN B 39 -5.60 -9.09 -1.24
C GLN B 39 -6.55 -7.92 -1.01
N ALA B 40 -7.43 -8.01 0.03
CA ALA B 40 -8.34 -6.91 0.36
C ALA B 40 -7.45 -5.90 1.07
N SER B 41 -7.77 -4.60 0.98
CA SER B 41 -6.92 -3.55 1.59
C SER B 41 -6.60 -3.81 3.05
N GLY B 42 -5.30 -3.91 3.34
CA GLY B 42 -4.77 -4.18 4.67
C GLY B 42 -4.94 -5.62 5.14
N LYS B 43 -5.28 -6.52 4.20
CA LYS B 43 -5.49 -7.93 4.54
C LYS B 43 -4.38 -8.88 4.05
N GLY B 44 -4.64 -10.18 4.14
CA GLY B 44 -3.70 -11.22 3.75
C GLY B 44 -3.93 -11.66 2.32
N LEU B 45 -3.25 -12.73 1.94
CA LEU B 45 -3.29 -13.28 0.59
C LEU B 45 -4.27 -14.44 0.43
N GLU B 46 -5.12 -14.41 -0.62
CA GLU B 46 -6.11 -15.45 -0.85
C GLU B 46 -6.10 -15.94 -2.30
N TRP B 47 -5.70 -17.20 -2.51
CA TRP B 47 -5.65 -17.86 -3.79
C TRP B 47 -7.06 -17.92 -4.33
N VAL B 48 -7.20 -17.68 -5.62
CA VAL B 48 -8.50 -17.59 -6.26
C VAL B 48 -8.69 -18.74 -7.21
N GLY B 49 -7.68 -19.00 -8.02
CA GLY B 49 -7.70 -20.09 -8.98
C GLY B 49 -6.44 -20.14 -9.80
N ARG B 50 -6.36 -21.14 -10.66
CA ARG B 50 -5.27 -21.34 -11.57
C ARG B 50 -5.68 -22.10 -12.81
N ILE B 51 -4.83 -21.98 -13.87
CA ILE B 51 -4.91 -22.69 -15.13
C ILE B 51 -3.52 -23.32 -15.40
N LYS B 52 -3.45 -24.66 -15.47
CA LYS B 52 -2.18 -25.34 -15.75
C LYS B 52 -1.76 -25.11 -17.19
N ARG B 53 -0.50 -25.35 -17.48
CA ARG B 53 0.07 -25.21 -18.81
C ARG B 53 -0.53 -26.18 -19.82
N ASN B 54 -0.25 -25.98 -21.12
CA ASN B 54 -0.75 -26.83 -22.20
C ASN B 54 -0.36 -28.30 -21.98
N ALA B 55 0.92 -28.56 -21.61
CA ALA B 55 1.45 -29.90 -21.37
C ALA B 55 0.79 -30.57 -20.16
N GLU B 56 -0.05 -29.81 -19.43
CA GLU B 56 -0.78 -30.25 -18.23
C GLU B 56 -2.31 -30.11 -18.41
N SER B 57 -2.75 -30.25 -19.66
CA SER B 57 -4.13 -30.24 -20.15
C SER B 57 -4.93 -28.99 -19.85
N ASP B 58 -4.25 -27.83 -19.66
CA ASP B 58 -4.90 -26.54 -19.33
C ASP B 58 -5.89 -26.67 -18.17
N ALA B 59 -5.57 -27.53 -17.20
CA ALA B 59 -6.43 -27.86 -16.06
C ALA B 59 -6.67 -26.67 -15.16
N THR B 60 -7.93 -26.46 -14.80
CA THR B 60 -8.32 -25.34 -13.95
C THR B 60 -8.81 -25.83 -12.58
N ALA B 61 -8.52 -25.04 -11.51
CA ALA B 61 -8.98 -25.26 -10.13
C ALA B 61 -9.38 -23.90 -9.60
N TYR B 62 -10.38 -23.84 -8.69
CA TYR B 62 -10.87 -22.56 -8.17
C TYR B 62 -11.11 -22.60 -6.66
N ALA B 63 -10.99 -21.43 -5.98
CA ALA B 63 -11.24 -21.31 -4.55
C ALA B 63 -12.72 -21.60 -4.23
N ALA B 64 -12.97 -22.35 -3.13
CA ALA B 64 -14.30 -22.70 -2.64
C ALA B 64 -15.19 -21.47 -2.41
N SER B 65 -14.60 -20.34 -1.91
CA SER B 65 -15.30 -19.08 -1.65
C SER B 65 -15.92 -18.49 -2.92
N MET B 66 -15.23 -18.63 -4.07
CA MET B 66 -15.66 -18.18 -5.40
C MET B 66 -16.43 -19.34 -6.03
N ARG B 67 -17.48 -19.81 -5.32
CA ARG B 67 -18.38 -20.93 -5.65
C ARG B 67 -19.06 -20.80 -7.02
N GLY B 68 -18.46 -21.46 -8.04
CA GLY B 68 -18.94 -21.48 -9.42
C GLY B 68 -19.26 -20.13 -10.00
N ARG B 69 -18.38 -19.12 -9.74
CA ARG B 69 -18.48 -17.73 -10.21
C ARG B 69 -17.26 -17.34 -11.04
N LEU B 70 -16.28 -18.26 -11.13
CA LEU B 70 -15.01 -18.03 -11.83
C LEU B 70 -14.83 -18.83 -13.09
N THR B 71 -14.12 -18.21 -14.04
CA THR B 71 -13.72 -18.84 -15.30
C THR B 71 -12.32 -18.32 -15.65
N ILE B 72 -11.35 -19.18 -15.53
CA ILE B 72 -9.96 -18.91 -15.94
C ILE B 72 -9.76 -19.57 -17.30
N SER B 73 -9.12 -18.85 -18.20
CA SER B 73 -8.83 -19.27 -19.56
C SER B 73 -7.55 -18.59 -20.03
N ARG B 74 -7.11 -18.97 -21.23
CA ARG B 74 -5.94 -18.39 -21.87
C ARG B 74 -6.25 -18.24 -23.34
N ASP B 75 -5.82 -17.10 -23.89
CA ASP B 75 -5.87 -16.85 -25.31
C ASP B 75 -4.39 -16.92 -25.68
N ASP B 76 -3.95 -18.09 -26.16
CA ASP B 76 -2.53 -18.25 -26.53
C ASP B 76 -2.12 -17.42 -27.75
N SER B 77 -3.10 -17.03 -28.60
CA SER B 77 -2.91 -16.21 -29.79
C SER B 77 -2.62 -14.75 -29.40
N LYS B 78 -3.06 -14.35 -28.18
CA LYS B 78 -2.87 -13.03 -27.57
C LYS B 78 -1.84 -13.12 -26.46
N ASN B 79 -1.43 -14.37 -26.10
CA ASN B 79 -0.47 -14.70 -25.03
C ASN B 79 -0.95 -14.09 -23.69
N THR B 80 -2.25 -14.26 -23.42
CA THR B 80 -2.94 -13.67 -22.28
C THR B 80 -3.79 -14.67 -21.57
N ALA B 81 -3.83 -14.56 -20.24
CA ALA B 81 -4.65 -15.36 -19.33
C ALA B 81 -5.79 -14.49 -18.85
N PHE B 82 -6.96 -15.08 -18.64
CA PHE B 82 -8.11 -14.32 -18.18
C PHE B 82 -8.78 -14.88 -16.96
N LEU B 83 -9.27 -14.00 -16.07
CA LEU B 83 -10.04 -14.38 -14.90
C LEU B 83 -11.39 -13.66 -15.00
N GLN B 84 -12.45 -14.42 -15.36
CA GLN B 84 -13.84 -13.97 -15.52
C GLN B 84 -14.54 -14.20 -14.18
N MET B 85 -15.07 -13.14 -13.55
CA MET B 85 -15.72 -13.21 -12.24
C MET B 85 -17.11 -12.64 -12.36
N ASN B 86 -18.13 -13.46 -12.03
CA ASN B 86 -19.56 -13.11 -12.12
C ASN B 86 -20.19 -12.97 -10.73
N SER B 87 -21.40 -12.38 -10.68
CA SER B 87 -22.22 -12.20 -9.47
C SER B 87 -21.40 -11.68 -8.31
N LEU B 88 -20.62 -10.62 -8.60
CA LEU B 88 -19.68 -10.02 -7.66
C LEU B 88 -20.35 -9.44 -6.46
N LYS B 89 -19.76 -9.68 -5.30
CA LYS B 89 -20.23 -9.17 -4.02
C LYS B 89 -19.18 -8.20 -3.48
N SER B 90 -19.58 -7.29 -2.54
CA SER B 90 -18.69 -6.28 -1.97
C SER B 90 -17.42 -6.85 -1.36
N ASP B 91 -17.50 -8.09 -0.84
CA ASP B 91 -16.37 -8.80 -0.23
C ASP B 91 -15.37 -9.39 -1.25
N ASP B 92 -15.61 -9.16 -2.55
CA ASP B 92 -14.73 -9.53 -3.63
C ASP B 92 -13.80 -8.32 -3.95
N THR B 93 -14.02 -7.18 -3.27
CA THR B 93 -13.22 -5.97 -3.44
C THR B 93 -11.82 -6.32 -2.93
N ALA B 94 -10.82 -6.13 -3.81
CA ALA B 94 -9.42 -6.50 -3.54
C ALA B 94 -8.50 -6.20 -4.75
N MET B 95 -7.19 -6.25 -4.49
CA MET B 95 -6.18 -6.19 -5.51
C MET B 95 -6.03 -7.65 -5.97
N TYR B 96 -6.14 -7.89 -7.27
CA TYR B 96 -6.04 -9.21 -7.88
C TYR B 96 -4.68 -9.33 -8.58
N TYR B 97 -3.92 -10.37 -8.26
CA TYR B 97 -2.58 -10.60 -8.78
C TYR B 97 -2.55 -11.83 -9.64
N CYS B 98 -1.84 -11.69 -10.73
CA CYS B 98 -1.56 -12.76 -11.65
C CYS B 98 -0.19 -13.30 -11.20
N VAL B 99 -0.08 -14.62 -10.96
CA VAL B 99 1.15 -15.24 -10.47
C VAL B 99 1.61 -16.35 -11.42
N ILE B 100 2.85 -16.21 -11.94
CA ILE B 100 3.43 -17.21 -12.84
C ILE B 100 4.19 -18.27 -12.04
N ARG B 101 3.87 -19.53 -12.30
CA ARG B 101 4.57 -20.69 -11.76
C ARG B 101 5.12 -21.48 -12.98
N GLY B 102 6.39 -21.22 -13.33
CA GLY B 102 7.07 -21.85 -14.48
C GLY B 102 8.56 -21.55 -14.58
N ASP B 103 9.16 -21.76 -15.79
CA ASP B 103 10.59 -21.47 -16.00
C ASP B 103 10.93 -19.96 -15.80
N VAL B 104 10.20 -19.09 -16.52
CA VAL B 104 10.41 -17.64 -16.49
C VAL B 104 9.41 -17.01 -15.55
N TYR B 105 9.85 -15.93 -14.84
CA TYR B 105 9.07 -15.14 -13.88
C TYR B 105 8.49 -16.06 -12.74
N ASN B 106 9.26 -17.13 -12.41
CA ASN B 106 8.96 -18.16 -11.41
C ASN B 106 8.69 -17.62 -10.03
N ARG B 107 7.46 -17.88 -9.55
CA ARG B 107 6.91 -17.42 -8.26
C ARG B 107 6.90 -15.88 -8.14
N GLN B 108 6.98 -15.20 -9.30
CA GLN B 108 6.91 -13.73 -9.34
C GLN B 108 5.50 -13.22 -9.65
N TRP B 109 5.16 -12.11 -9.02
CA TRP B 109 3.81 -11.53 -9.09
C TRP B 109 3.79 -10.30 -9.90
N GLY B 110 2.70 -10.11 -10.65
CA GLY B 110 2.46 -8.89 -11.39
C GLY B 110 2.15 -7.79 -10.39
N GLN B 111 2.02 -6.54 -10.86
CA GLN B 111 1.70 -5.37 -10.04
C GLN B 111 0.28 -5.41 -9.45
N GLY B 112 -0.59 -6.19 -10.08
CA GLY B 112 -1.98 -6.37 -9.71
C GLY B 112 -2.92 -5.34 -10.32
N THR B 113 -4.23 -5.63 -10.27
CA THR B 113 -5.29 -4.72 -10.72
C THR B 113 -6.37 -4.64 -9.62
N LEU B 114 -6.77 -3.43 -9.25
CA LEU B 114 -7.78 -3.25 -8.19
C LEU B 114 -9.22 -3.39 -8.68
N VAL B 115 -9.97 -4.28 -8.04
CA VAL B 115 -11.40 -4.52 -8.30
C VAL B 115 -12.18 -3.90 -7.10
N THR B 116 -13.09 -2.96 -7.36
CA THR B 116 -13.94 -2.33 -6.34
C THR B 116 -15.39 -2.70 -6.69
N VAL B 117 -16.07 -3.39 -5.77
CA VAL B 117 -17.47 -3.78 -5.94
C VAL B 117 -18.27 -2.85 -5.03
N SER B 118 -18.97 -1.90 -5.65
CA SER B 118 -19.70 -0.82 -5.00
C SER B 118 -20.79 -0.26 -5.91
N SER B 119 -21.81 0.27 -5.29
CA SER B 119 -22.96 0.90 -5.93
C SER B 119 -22.72 2.41 -6.14
N ALA B 120 -21.62 2.92 -5.60
CA ALA B 120 -21.20 4.31 -5.72
C ALA B 120 -20.63 4.53 -7.11
N SER B 121 -20.82 5.73 -7.64
CA SER B 121 -20.38 6.11 -8.98
C SER B 121 -18.99 6.73 -8.95
N THR B 122 -18.30 6.71 -10.08
CA THR B 122 -16.97 7.32 -10.22
C THR B 122 -17.02 8.83 -10.04
N LYS B 123 -16.02 9.37 -9.35
CA LYS B 123 -15.87 10.79 -9.13
C LYS B 123 -14.41 11.15 -9.23
N GLY B 124 -14.13 12.07 -10.13
CA GLY B 124 -12.79 12.61 -10.29
C GLY B 124 -12.42 13.51 -9.13
N PRO B 125 -11.13 13.55 -8.76
CA PRO B 125 -10.74 14.37 -7.60
C PRO B 125 -10.63 15.86 -7.87
N SER B 126 -10.66 16.62 -6.79
CA SER B 126 -10.33 18.04 -6.77
C SER B 126 -8.85 18.06 -6.29
N VAL B 127 -8.01 18.83 -6.96
CA VAL B 127 -6.60 18.88 -6.57
C VAL B 127 -6.30 20.29 -6.05
N PHE B 128 -5.88 20.38 -4.79
CA PHE B 128 -5.58 21.65 -4.14
C PHE B 128 -4.13 21.72 -3.68
N PRO B 129 -3.46 22.89 -3.78
CA PRO B 129 -2.07 22.95 -3.33
C PRO B 129 -1.97 23.11 -1.84
N LEU B 130 -0.93 22.55 -1.27
CA LEU B 130 -0.60 22.76 0.14
C LEU B 130 0.67 23.58 0.08
N ALA B 131 0.48 24.90 -0.07
CA ALA B 131 1.57 25.88 -0.23
C ALA B 131 2.55 25.93 0.93
N PRO B 132 3.87 26.00 0.63
CA PRO B 132 4.83 26.19 1.71
C PRO B 132 4.71 27.62 2.27
N SER B 133 4.80 27.75 3.60
CA SER B 133 4.73 29.05 4.29
C SER B 133 5.57 28.94 5.55
N SER B 134 5.65 30.03 6.35
CA SER B 134 6.38 30.05 7.63
C SER B 134 5.83 28.91 8.53
N LYS B 135 4.48 28.73 8.57
CA LYS B 135 3.78 27.66 9.34
C LYS B 135 4.17 26.23 8.89
N SER B 136 4.68 26.10 7.64
CA SER B 136 5.15 24.82 7.11
C SER B 136 6.67 24.81 6.94
N THR B 137 7.40 25.63 7.73
CA THR B 137 8.86 25.63 7.75
C THR B 137 9.33 25.30 9.17
N SER B 138 10.33 24.43 9.28
CA SER B 138 10.93 23.99 10.54
C SER B 138 12.44 24.01 10.30
N GLY B 139 13.08 25.07 10.81
CA GLY B 139 14.51 25.30 10.63
C GLY B 139 14.72 25.68 9.18
N GLY B 140 15.68 25.02 8.54
CA GLY B 140 16.03 25.22 7.12
C GLY B 140 15.35 24.26 6.18
N THR B 141 14.21 23.70 6.60
CA THR B 141 13.38 22.77 5.84
C THR B 141 11.97 23.34 5.73
N ALA B 142 11.36 23.22 4.55
CA ALA B 142 9.98 23.60 4.24
C ALA B 142 9.23 22.37 3.77
N ALA B 143 7.94 22.27 4.11
CA ALA B 143 7.11 21.20 3.61
C ALA B 143 6.03 21.82 2.77
N LEU B 144 5.63 21.10 1.71
CA LEU B 144 4.61 21.48 0.76
C LEU B 144 3.93 20.21 0.27
N GLY B 145 2.78 20.36 -0.38
CA GLY B 145 2.06 19.22 -0.90
C GLY B 145 0.86 19.50 -1.77
N CYS B 146 0.09 18.45 -2.07
CA CYS B 146 -1.14 18.49 -2.82
C CYS B 146 -2.19 17.71 -2.07
N LEU B 147 -3.37 18.30 -1.93
CA LEU B 147 -4.52 17.67 -1.34
C LEU B 147 -5.34 17.13 -2.51
N VAL B 148 -5.51 15.80 -2.54
CA VAL B 148 -6.26 15.11 -3.61
C VAL B 148 -7.55 14.67 -2.95
N LYS B 149 -8.59 15.50 -3.11
CA LYS B 149 -9.85 15.34 -2.41
C LYS B 149 -11.01 14.93 -3.25
N ASP B 150 -11.94 14.17 -2.63
CA ASP B 150 -13.24 13.78 -3.15
C ASP B 150 -13.26 13.03 -4.46
N TYR B 151 -12.65 11.85 -4.44
CA TYR B 151 -12.62 10.94 -5.58
C TYR B 151 -13.11 9.57 -5.18
N PHE B 152 -13.52 8.80 -6.16
CA PHE B 152 -13.97 7.42 -6.03
C PHE B 152 -13.95 6.81 -7.40
N PRO B 153 -13.45 5.56 -7.57
CA PRO B 153 -12.88 4.70 -6.54
C PRO B 153 -11.40 4.98 -6.38
N GLU B 154 -10.71 4.07 -5.67
CA GLU B 154 -9.27 4.01 -5.63
C GLU B 154 -8.85 3.38 -6.98
N PRO B 155 -7.64 3.60 -7.49
CA PRO B 155 -6.53 4.34 -6.91
C PRO B 155 -6.30 5.74 -7.48
N VAL B 156 -5.43 6.47 -6.82
CA VAL B 156 -4.92 7.76 -7.26
C VAL B 156 -3.37 7.66 -7.26
N THR B 157 -2.71 8.08 -8.33
CA THR B 157 -1.25 8.11 -8.36
C THR B 157 -0.79 9.55 -8.29
N VAL B 158 0.25 9.79 -7.49
CA VAL B 158 0.81 11.11 -7.34
C VAL B 158 2.32 11.02 -7.50
N SER B 159 2.87 11.85 -8.37
CA SER B 159 4.33 11.96 -8.48
C SER B 159 4.69 13.43 -8.36
N TRP B 160 5.98 13.73 -8.17
CA TRP B 160 6.44 15.11 -8.04
C TRP B 160 7.48 15.38 -9.12
N ASN B 161 7.31 16.51 -9.81
CA ASN B 161 8.18 16.99 -10.88
C ASN B 161 8.45 15.96 -11.96
N SER B 162 7.37 15.26 -12.38
CA SER B 162 7.37 14.18 -13.37
C SER B 162 8.31 13.02 -12.99
N GLY B 163 8.35 12.66 -11.70
CA GLY B 163 9.18 11.58 -11.19
C GLY B 163 10.61 11.93 -10.80
N ALA B 164 11.04 13.16 -11.09
CA ALA B 164 12.39 13.69 -10.77
C ALA B 164 12.54 14.00 -9.28
N LEU B 165 11.43 14.23 -8.59
CA LEU B 165 11.45 14.51 -7.17
C LEU B 165 10.84 13.31 -6.45
N THR B 166 11.68 12.55 -5.69
CA THR B 166 11.27 11.33 -4.97
C THR B 166 11.66 11.35 -3.48
N SER B 167 12.86 11.86 -3.18
CA SER B 167 13.43 12.04 -1.83
C SER B 167 12.59 13.01 -1.02
N GLY B 168 12.18 12.57 0.16
CA GLY B 168 11.36 13.35 1.09
C GLY B 168 9.87 13.35 0.80
N VAL B 169 9.41 12.53 -0.18
CA VAL B 169 8.02 12.43 -0.60
C VAL B 169 7.25 11.41 0.25
N HIS B 170 6.05 11.81 0.68
CA HIS B 170 5.14 10.93 1.39
C HIS B 170 3.78 11.11 0.79
N THR B 171 3.33 10.11 0.01
CA THR B 171 1.96 10.04 -0.52
C THR B 171 1.20 9.15 0.47
N PHE B 172 0.33 9.78 1.24
CA PHE B 172 -0.45 9.13 2.28
C PHE B 172 -1.52 8.16 1.80
N PRO B 173 -1.75 7.03 2.50
CA PRO B 173 -2.89 6.18 2.12
C PRO B 173 -4.22 6.98 2.12
N ALA B 174 -5.08 6.72 1.14
CA ALA B 174 -6.38 7.38 1.03
C ALA B 174 -7.25 7.04 2.21
N VAL B 175 -8.00 8.00 2.72
CA VAL B 175 -8.95 7.74 3.80
C VAL B 175 -10.32 7.94 3.22
N LEU B 176 -11.20 7.00 3.48
CA LEU B 176 -12.56 7.12 3.03
C LEU B 176 -13.32 8.06 3.97
N GLN B 177 -13.79 9.18 3.42
CA GLN B 177 -14.55 10.17 4.20
C GLN B 177 -16.00 9.68 4.40
N SER B 178 -16.73 10.35 5.30
CA SER B 178 -18.14 10.09 5.63
C SER B 178 -19.07 10.19 4.36
N SER B 179 -18.64 10.95 3.34
CA SER B 179 -19.36 11.12 2.08
C SER B 179 -19.31 9.86 1.19
N GLY B 180 -18.36 8.97 1.50
CA GLY B 180 -18.10 7.75 0.76
C GLY B 180 -17.07 8.00 -0.34
N LEU B 181 -16.41 9.16 -0.28
CA LEU B 181 -15.38 9.60 -1.21
C LEU B 181 -14.01 9.60 -0.55
N TYR B 182 -12.95 9.27 -1.29
CA TYR B 182 -11.63 9.25 -0.71
C TYR B 182 -10.96 10.59 -0.76
N SER B 183 -9.94 10.73 0.06
CA SER B 183 -9.13 11.93 0.11
C SER B 183 -7.74 11.52 0.55
N LEU B 184 -6.71 12.11 -0.07
CA LEU B 184 -5.33 11.89 0.37
C LEU B 184 -4.51 13.15 0.22
N SER B 185 -3.39 13.20 0.94
CA SER B 185 -2.41 14.26 0.76
C SER B 185 -1.10 13.61 0.32
N SER B 186 -0.34 14.29 -0.52
CA SER B 186 1.01 13.88 -0.91
C SER B 186 1.85 15.09 -0.56
N VAL B 187 2.87 14.89 0.26
CA VAL B 187 3.74 15.98 0.72
C VAL B 187 5.21 15.74 0.34
N VAL B 188 6.00 16.81 0.39
CA VAL B 188 7.45 16.80 0.18
C VAL B 188 8.09 17.74 1.17
N THR B 189 9.21 17.32 1.78
CA THR B 189 10.02 18.24 2.57
C THR B 189 11.18 18.59 1.66
N VAL B 190 11.50 19.89 1.57
CA VAL B 190 12.55 20.37 0.69
C VAL B 190 13.42 21.40 1.44
N PRO B 191 14.60 21.80 0.92
CA PRO B 191 15.32 22.93 1.56
C PRO B 191 14.52 24.24 1.36
N SER B 192 14.39 25.07 2.42
CA SER B 192 13.70 26.37 2.33
C SER B 192 14.43 27.37 1.43
N SER B 193 15.77 27.22 1.29
CA SER B 193 16.62 28.05 0.43
C SER B 193 16.30 27.84 -1.08
N SER B 194 15.49 26.84 -1.40
CA SER B 194 15.13 26.48 -2.77
C SER B 194 13.70 26.94 -3.14
N LEU B 195 12.98 27.51 -2.16
CA LEU B 195 11.57 27.92 -2.33
C LEU B 195 11.25 28.88 -3.43
N GLY B 196 12.06 29.91 -3.60
CA GLY B 196 11.82 30.88 -4.66
C GLY B 196 12.38 30.51 -6.04
N THR B 197 13.28 29.52 -6.11
CA THR B 197 13.96 29.15 -7.34
C THR B 197 13.49 27.86 -8.00
N GLN B 198 13.36 26.77 -7.21
CA GLN B 198 12.92 25.48 -7.69
C GLN B 198 11.40 25.43 -7.76
N THR B 199 10.86 24.91 -8.87
CA THR B 199 9.44 24.71 -9.14
C THR B 199 9.03 23.32 -8.68
N TYR B 200 7.86 23.23 -8.06
CA TYR B 200 7.35 21.99 -7.52
C TYR B 200 5.96 21.80 -8.04
N ILE B 201 5.82 20.80 -8.92
CA ILE B 201 4.57 20.39 -9.55
C ILE B 201 4.23 19.00 -9.04
N CYS B 202 2.95 18.76 -8.74
CA CYS B 202 2.51 17.42 -8.36
C CYS B 202 1.66 16.88 -9.49
N ASN B 203 1.96 15.64 -9.89
CA ASN B 203 1.32 14.99 -11.01
C ASN B 203 0.35 13.97 -10.49
N VAL B 204 -0.93 14.30 -10.57
CA VAL B 204 -2.01 13.46 -10.08
C VAL B 204 -2.74 12.79 -11.23
N ASN B 205 -2.94 11.49 -11.11
CA ASN B 205 -3.71 10.77 -12.10
C ASN B 205 -4.70 9.85 -11.40
N HIS B 206 -6.00 10.07 -11.65
CA HIS B 206 -7.08 9.22 -11.22
C HIS B 206 -7.60 8.60 -12.51
N LYS B 207 -6.96 7.50 -12.95
CA LYS B 207 -7.35 6.74 -14.14
C LYS B 207 -8.85 6.38 -14.21
N PRO B 208 -9.55 5.98 -13.10
CA PRO B 208 -10.98 5.66 -13.20
C PRO B 208 -11.89 6.71 -13.80
N SER B 209 -11.58 8.01 -13.58
CA SER B 209 -12.37 9.13 -14.09
C SER B 209 -11.65 9.90 -15.20
N ASN B 210 -10.47 9.39 -15.66
CA ASN B 210 -9.62 10.06 -16.65
C ASN B 210 -9.27 11.51 -16.23
N THR B 211 -8.84 11.67 -14.98
CA THR B 211 -8.45 12.98 -14.47
C THR B 211 -6.95 12.94 -14.26
N LYS B 212 -6.21 13.76 -15.03
CA LYS B 212 -4.76 13.95 -14.93
C LYS B 212 -4.62 15.44 -14.70
N VAL B 213 -3.92 15.83 -13.64
CA VAL B 213 -3.69 17.24 -13.28
C VAL B 213 -2.23 17.39 -12.88
N ASP B 214 -1.56 18.39 -13.48
CA ASP B 214 -0.22 18.83 -13.13
C ASP B 214 -0.43 20.18 -12.41
N LYS B 215 -0.28 20.20 -11.08
CA LYS B 215 -0.50 21.35 -10.24
C LYS B 215 0.78 21.90 -9.67
N ARG B 216 1.10 23.16 -9.98
CA ARG B 216 2.27 23.85 -9.45
C ARG B 216 1.91 24.40 -8.05
N VAL B 217 2.77 24.11 -7.06
CA VAL B 217 2.59 24.52 -5.66
C VAL B 217 3.65 25.62 -5.43
N GLU B 218 3.18 26.83 -5.22
CA GLU B 218 4.01 27.99 -5.08
C GLU B 218 3.92 28.50 -3.65
N PRO B 219 4.99 29.13 -3.09
CA PRO B 219 4.90 29.67 -1.73
C PRO B 219 3.81 30.73 -1.47
N LYS B 220 3.61 31.08 -0.18
CA LYS B 220 2.70 32.06 0.43
C LYS B 220 1.44 31.41 0.96
N GLU C 18 2.93 -25.46 -8.38
CA GLU C 18 2.20 -26.44 -7.55
C GLU C 18 2.48 -27.96 -7.89
N ALA C 19 2.45 -28.84 -6.88
CA ALA C 19 2.79 -30.25 -7.11
C ALA C 19 1.60 -31.20 -6.96
C1 GOL D . -4.98 -18.59 0.85
O1 GOL D . -6.00 -18.97 -0.12
C2 GOL D . -5.42 -18.36 2.34
O2 GOL D . -4.73 -19.27 3.09
C3 GOL D . -5.37 -16.91 2.98
O3 GOL D . -4.89 -16.68 4.34
C1 GOL E . 15.76 -9.83 -1.01
O1 GOL E . 15.83 -9.83 -2.49
C2 GOL E . 15.46 -8.44 -0.40
O2 GOL E . 14.39 -7.86 -1.17
C3 GOL E . 14.98 -8.54 1.05
O3 GOL E . 14.87 -7.25 1.72
#